data_1NY0
#
_entry.id   1NY0
#
_cell.length_a   41.289
_cell.length_b   58.967
_cell.length_c   88.630
_cell.angle_alpha   90.00
_cell.angle_beta   90.00
_cell.angle_gamma   90.00
#
_symmetry.space_group_name_H-M   'P 21 21 21'
#
loop_
_entity.id
_entity.type
_entity.pdbx_description
1 polymer 'Beta-lactamase TEM'
2 non-polymer 'PHOSPHATE ION'
3 non-polymer 'POTASSIUM ION'
4 non-polymer '[(2-ETHOXY-1-NAPHTHOYL)AMINO]METHYLBORONIC ACID'
5 water water
#
_entity_poly.entity_id   1
_entity_poly.type   'polypeptide(L)'
_entity_poly.pdbx_seq_one_letter_code
;HPETLVKVKDAEDQLGARVGYIELDLNSGKILESFRPEERFPMMSTFKVLLCGAVLSRVDAGQEQLGRRIHYSQNDLVEY
SPVTEKHLTDGMTVRELCSAAITMSDNTAANLLLTTIGGPKELTAFLHNMGDHVTRLDRWEPELNEAIPNDERDTTTPAA
MATTLRKLLTGELLTLASRQQLIDWMEADKVAGPLLRSALPAGWFIADKSGAGERGSRGIIAALGPDGKPSRIVVIYTTG
SQATMDERNRQIAEIGASLIKHW
;
_entity_poly.pdbx_strand_id   A
#
# COMPACT_ATOMS: atom_id res chain seq x y z
N HIS A 1 -7.04 -18.69 -10.14
CA HIS A 1 -6.87 -20.18 -10.24
C HIS A 1 -6.86 -20.79 -8.84
N PRO A 2 -7.65 -21.86 -8.64
CA PRO A 2 -7.72 -22.54 -7.35
C PRO A 2 -6.37 -22.98 -6.83
N GLU A 3 -5.42 -23.25 -7.71
CA GLU A 3 -4.09 -23.65 -7.23
C GLU A 3 -3.46 -22.52 -6.44
N THR A 4 -3.83 -21.28 -6.75
CA THR A 4 -3.28 -20.16 -6.00
C THR A 4 -3.86 -20.16 -4.58
N LEU A 5 -5.13 -20.55 -4.42
CA LEU A 5 -5.72 -20.62 -3.07
C LEU A 5 -5.04 -21.73 -2.27
N VAL A 6 -4.60 -22.77 -2.96
CA VAL A 6 -3.88 -23.84 -2.28
C VAL A 6 -2.66 -23.19 -1.62
N LYS A 7 -1.98 -22.32 -2.36
CA LYS A 7 -0.79 -21.70 -1.81
C LYS A 7 -1.13 -20.73 -0.69
N VAL A 8 -2.23 -20.00 -0.84
CA VAL A 8 -2.64 -19.06 0.18
C VAL A 8 -2.94 -19.84 1.47
N LYS A 9 -3.66 -20.95 1.35
CA LYS A 9 -3.98 -21.75 2.53
C LYS A 9 -2.69 -22.33 3.12
N ASP A 10 -1.75 -22.73 2.26
CA ASP A 10 -0.48 -23.27 2.72
C ASP A 10 0.26 -22.21 3.54
N ALA A 11 0.14 -20.95 3.10
CA ALA A 11 0.80 -19.85 3.82
C ALA A 11 0.22 -19.73 5.21
N GLU A 12 -1.10 -19.85 5.34
CA GLU A 12 -1.71 -19.76 6.65
C GLU A 12 -1.13 -20.87 7.53
N ASP A 13 -0.93 -22.05 6.95
CA ASP A 13 -0.38 -23.18 7.70
C ASP A 13 1.07 -22.91 8.10
N GLN A 14 1.88 -22.52 7.14
CA GLN A 14 3.31 -22.26 7.38
C GLN A 14 3.54 -21.13 8.38
N LEU A 15 2.71 -20.10 8.32
CA LEU A 15 2.85 -18.94 9.20
C LEU A 15 2.06 -19.04 10.50
N GLY A 16 1.09 -19.94 10.54
CA GLY A 16 0.28 -20.07 11.73
C GLY A 16 -0.51 -18.78 11.94
N ALA A 17 -1.06 -18.26 10.85
CA ALA A 17 -1.82 -17.02 10.97
C ALA A 17 -2.78 -16.82 9.81
N ARG A 18 -3.66 -15.83 9.94
CA ARG A 18 -4.63 -15.53 8.89
C ARG A 18 -3.95 -14.82 7.74
N VAL A 19 -4.37 -15.18 6.52
CA VAL A 19 -3.89 -14.54 5.30
C VAL A 19 -5.14 -14.14 4.51
N GLY A 20 -5.16 -12.88 4.07
CA GLY A 20 -6.28 -12.39 3.28
C GLY A 20 -5.75 -12.22 1.86
N TYR A 21 -6.58 -12.56 0.87
CA TYR A 21 -6.14 -12.48 -0.51
C TYR A 21 -7.25 -12.17 -1.49
N ILE A 22 -6.97 -11.33 -2.46
CA ILE A 22 -7.94 -11.09 -3.51
C ILE A 22 -7.19 -10.73 -4.78
N GLU A 23 -7.74 -11.20 -5.89
CA GLU A 23 -7.17 -11.00 -7.21
C GLU A 23 -8.32 -10.47 -8.06
N LEU A 24 -8.13 -9.28 -8.64
CA LEU A 24 -9.18 -8.64 -9.46
C LEU A 24 -8.67 -8.34 -10.85
N ASP A 25 -9.55 -8.46 -11.85
CA ASP A 25 -9.18 -8.12 -13.21
C ASP A 25 -9.15 -6.59 -13.23
N LEU A 26 -8.03 -5.99 -13.63
CA LEU A 26 -7.92 -4.53 -13.63
C LEU A 26 -8.86 -3.86 -14.61
N ASN A 27 -9.02 -4.47 -15.78
CA ASN A 27 -9.87 -3.91 -16.81
C ASN A 27 -11.34 -3.88 -16.42
N SER A 28 -11.88 -5.06 -16.15
CA SER A 28 -13.28 -5.22 -15.81
C SER A 28 -13.66 -5.03 -14.36
N GLY A 29 -12.73 -5.26 -13.44
CA GLY A 29 -13.06 -5.12 -12.04
C GLY A 29 -13.65 -6.41 -11.49
N LYS A 30 -13.66 -7.46 -12.31
CA LYS A 30 -14.19 -8.74 -11.88
C LYS A 30 -13.28 -9.43 -10.84
N ILE A 31 -13.87 -10.04 -9.83
CA ILE A 31 -13.11 -10.75 -8.80
C ILE A 31 -12.74 -12.11 -9.33
N LEU A 32 -11.45 -12.41 -9.38
CA LEU A 32 -11.00 -13.71 -9.90
C LEU A 32 -10.79 -14.79 -8.87
N GLU A 33 -10.25 -14.42 -7.73
N GLU A 33 -10.23 -14.42 -7.73
CA GLU A 33 -10.01 -15.38 -6.66
CA GLU A 33 -9.98 -15.37 -6.65
C GLU A 33 -9.97 -14.58 -5.35
C GLU A 33 -9.98 -14.57 -5.35
N SER A 34 -10.39 -15.21 -4.26
CA SER A 34 -10.39 -14.51 -2.98
C SER A 34 -10.30 -15.48 -1.82
N PHE A 35 -9.82 -14.96 -0.70
CA PHE A 35 -9.66 -15.75 0.52
C PHE A 35 -9.76 -14.70 1.64
N ARG A 36 -10.73 -14.89 2.54
CA ARG A 36 -10.99 -13.96 3.64
C ARG A 36 -11.10 -12.53 3.11
N PRO A 37 -11.80 -12.37 1.97
CA PRO A 37 -11.96 -11.05 1.36
C PRO A 37 -12.56 -9.94 2.21
N GLU A 38 -13.40 -10.30 3.17
CA GLU A 38 -14.04 -9.27 3.99
C GLU A 38 -13.57 -9.22 5.44
N GLU A 39 -12.46 -9.87 5.73
CA GLU A 39 -11.93 -9.84 7.08
C GLU A 39 -10.98 -8.66 7.17
N ARG A 40 -10.93 -8.02 8.34
CA ARG A 40 -10.06 -6.86 8.51
C ARG A 40 -8.62 -7.24 8.82
N PHE A 41 -7.71 -6.43 8.28
CA PHE A 41 -6.28 -6.58 8.49
C PHE A 41 -5.69 -5.18 8.58
N PRO A 42 -4.60 -5.03 9.33
CA PRO A 42 -3.95 -3.72 9.46
C PRO A 42 -3.38 -3.40 8.08
N MET A 43 -3.58 -2.17 7.62
CA MET A 43 -3.05 -1.75 6.33
C MET A 43 -1.54 -1.56 6.37
N MET A 44 -1.04 -1.08 7.51
CA MET A 44 0.39 -0.78 7.65
C MET A 44 0.73 0.23 6.55
N SER A 45 1.96 0.19 6.03
CA SER A 45 2.36 1.15 5.01
C SER A 45 1.62 1.16 3.68
N THR A 46 0.78 0.15 3.42
CA THR A 46 0.03 0.16 2.18
C THR A 46 -0.92 1.37 2.14
N PHE A 47 -1.21 1.98 3.28
CA PHE A 47 -2.11 3.14 3.22
C PHE A 47 -1.42 4.32 2.54
N LYS A 48 -0.10 4.27 2.43
CA LYS A 48 0.62 5.39 1.84
C LYS A 48 0.23 5.68 0.39
N VAL A 49 -0.23 4.65 -0.31
CA VAL A 49 -0.68 4.83 -1.68
C VAL A 49 -2.02 5.59 -1.65
N LEU A 50 -2.89 5.25 -0.71
CA LEU A 50 -4.18 5.94 -0.60
C LEU A 50 -3.90 7.41 -0.23
N LEU A 51 -2.90 7.62 0.63
CA LEU A 51 -2.51 8.95 1.06
C LEU A 51 -2.08 9.82 -0.12
N CYS A 52 -1.15 9.33 -0.93
CA CYS A 52 -0.71 10.11 -2.09
C CYS A 52 -1.84 10.25 -3.13
N GLY A 53 -2.79 9.32 -3.11
CA GLY A 53 -3.93 9.42 -4.01
C GLY A 53 -4.69 10.68 -3.61
N ALA A 54 -4.95 10.81 -2.32
CA ALA A 54 -5.65 11.98 -1.77
C ALA A 54 -4.86 13.26 -2.06
N VAL A 55 -3.55 13.19 -1.92
CA VAL A 55 -2.72 14.36 -2.20
C VAL A 55 -2.90 14.77 -3.67
N LEU A 56 -2.77 13.80 -4.56
CA LEU A 56 -2.90 14.07 -6.00
C LEU A 56 -4.29 14.61 -6.32
N SER A 57 -5.30 14.13 -5.59
CA SER A 57 -6.65 14.62 -5.79
C SER A 57 -6.70 16.13 -5.48
N ARG A 58 -6.00 16.56 -4.43
CA ARG A 58 -5.97 17.99 -4.09
C ARG A 58 -5.20 18.75 -5.18
N VAL A 59 -4.13 18.13 -5.69
CA VAL A 59 -3.36 18.77 -6.75
C VAL A 59 -4.27 19.01 -7.94
N ASP A 60 -5.04 18.00 -8.32
CA ASP A 60 -5.96 18.12 -9.45
C ASP A 60 -6.91 19.30 -9.24
N ALA A 61 -7.41 19.45 -8.02
CA ALA A 61 -8.35 20.52 -7.70
C ALA A 61 -7.66 21.87 -7.45
N GLY A 62 -6.35 21.91 -7.61
CA GLY A 62 -5.62 23.14 -7.40
C GLY A 62 -5.43 23.54 -5.93
N GLN A 63 -5.72 22.62 -5.02
N GLN A 63 -5.73 22.63 -5.02
CA GLN A 63 -5.59 22.89 -3.60
CA GLN A 63 -5.59 22.91 -3.60
C GLN A 63 -4.19 22.57 -3.10
C GLN A 63 -4.19 22.57 -3.10
N GLU A 64 -3.37 21.97 -3.96
CA GLU A 64 -2.02 21.61 -3.60
C GLU A 64 -1.11 21.66 -4.83
N GLN A 65 0.19 21.77 -4.60
CA GLN A 65 1.16 21.80 -5.68
C GLN A 65 2.24 20.79 -5.38
N LEU A 66 2.55 19.93 -6.36
CA LEU A 66 3.57 18.91 -6.16
C LEU A 66 4.93 19.54 -5.84
N GLY A 67 5.16 20.74 -6.37
CA GLY A 67 6.43 21.42 -6.13
C GLY A 67 6.52 22.21 -4.84
N ARG A 68 5.44 22.26 -4.06
CA ARG A 68 5.46 23.00 -2.80
C ARG A 68 6.42 22.37 -1.79
N ARG A 69 7.31 23.18 -1.22
CA ARG A 69 8.28 22.67 -0.27
C ARG A 69 7.78 22.64 1.16
N ILE A 70 8.04 21.52 1.83
N ILE A 70 7.99 21.51 1.84
CA ILE A 70 7.64 21.31 3.22
CA ILE A 70 7.60 21.39 3.23
C ILE A 70 8.87 21.29 4.09
C ILE A 70 8.84 21.30 4.09
N HIS A 71 8.90 22.16 5.10
CA HIS A 71 10.02 22.20 6.00
C HIS A 71 9.62 21.49 7.28
N TYR A 72 10.56 20.77 7.86
CA TYR A 72 10.28 20.05 9.08
C TYR A 72 11.53 20.06 9.92
N SER A 73 11.48 19.48 11.12
CA SER A 73 12.66 19.46 11.97
C SER A 73 12.81 18.12 12.68
N GLN A 74 13.88 17.99 13.44
CA GLN A 74 14.14 16.78 14.18
C GLN A 74 12.92 16.30 14.96
N ASN A 75 12.17 17.24 15.54
N ASN A 75 12.18 17.25 15.53
CA ASN A 75 10.98 16.93 16.33
CA ASN A 75 10.97 16.94 16.31
C ASN A 75 9.99 16.07 15.54
C ASN A 75 10.02 16.03 15.53
N ASP A 76 9.96 16.26 14.22
CA ASP A 76 9.05 15.51 13.35
C ASP A 76 9.50 14.11 12.97
N LEU A 77 10.77 13.82 13.16
CA LEU A 77 11.34 12.53 12.70
C LEU A 77 10.91 11.38 13.62
N VAL A 78 10.32 10.38 13.01
CA VAL A 78 9.87 9.16 13.71
C VAL A 78 10.70 7.99 13.19
N GLU A 79 10.50 6.85 13.82
N GLU A 79 10.53 6.85 13.83
CA GLU A 79 11.22 5.62 13.46
CA GLU A 79 11.30 5.66 13.47
C GLU A 79 11.11 5.35 11.96
C GLU A 79 11.12 5.33 11.97
N TYR A 80 12.24 4.94 11.43
CA TYR A 80 12.43 4.60 10.00
C TYR A 80 12.00 5.73 9.05
N SER A 81 12.90 6.66 8.89
CA SER A 81 12.71 7.82 8.01
C SER A 81 14.00 8.04 7.20
N PRO A 82 14.42 7.01 6.43
CA PRO A 82 15.65 7.00 5.64
C PRO A 82 15.88 8.18 4.74
N VAL A 83 14.82 8.68 4.11
CA VAL A 83 14.98 9.81 3.20
C VAL A 83 14.85 11.16 3.93
N THR A 84 13.78 11.34 4.67
CA THR A 84 13.59 12.58 5.40
C THR A 84 14.66 12.93 6.42
N GLU A 85 15.26 11.94 7.07
CA GLU A 85 16.29 12.26 8.06
C GLU A 85 17.48 12.90 7.37
N LYS A 86 17.57 12.67 6.07
CA LYS A 86 18.66 13.17 5.23
C LYS A 86 18.47 14.60 4.71
N HIS A 87 17.22 15.05 4.66
CA HIS A 87 16.96 16.39 4.14
C HIS A 87 16.39 17.37 5.13
N LEU A 88 16.71 17.20 6.41
CA LEU A 88 16.23 18.11 7.43
C LEU A 88 16.41 19.60 7.09
N THR A 89 17.59 19.97 6.61
CA THR A 89 17.84 21.39 6.31
C THR A 89 17.22 21.86 4.99
N ASP A 90 17.17 20.98 4.00
CA ASP A 90 16.60 21.32 2.70
C ASP A 90 15.08 21.33 2.65
N GLY A 91 14.46 20.52 3.50
CA GLY A 91 13.02 20.38 3.43
C GLY A 91 12.82 19.46 2.22
N MET A 92 11.58 19.16 1.88
CA MET A 92 11.29 18.31 0.74
C MET A 92 9.97 18.74 0.12
N THR A 93 9.84 18.60 -1.19
CA THR A 93 8.60 18.97 -1.86
C THR A 93 7.56 17.87 -1.73
N VAL A 94 6.31 18.23 -1.94
CA VAL A 94 5.22 17.27 -1.85
C VAL A 94 5.50 16.05 -2.73
N ARG A 95 5.97 16.32 -3.94
CA ARG A 95 6.33 15.28 -4.90
C ARG A 95 7.42 14.37 -4.33
N GLU A 96 8.45 14.97 -3.74
CA GLU A 96 9.56 14.19 -3.19
C GLU A 96 9.11 13.39 -1.96
N LEU A 97 8.13 13.92 -1.23
CA LEU A 97 7.64 13.22 -0.05
C LEU A 97 6.81 12.00 -0.45
N CYS A 98 5.99 12.13 -1.50
CA CYS A 98 5.22 10.96 -1.95
C CYS A 98 6.17 9.91 -2.51
N SER A 99 7.24 10.36 -3.16
N SER A 99 7.25 10.34 -3.18
CA SER A 99 8.22 9.44 -3.71
CA SER A 99 8.22 9.40 -3.70
C SER A 99 8.89 8.67 -2.57
C SER A 99 8.88 8.65 -2.56
N ALA A 100 9.29 9.39 -1.53
CA ALA A 100 9.93 8.78 -0.38
C ALA A 100 8.97 7.84 0.35
N ALA A 101 7.71 8.25 0.47
CA ALA A 101 6.74 7.43 1.17
C ALA A 101 6.45 6.11 0.46
N ILE A 102 6.33 6.15 -0.86
CA ILE A 102 6.00 4.96 -1.62
C ILE A 102 7.20 4.11 -2.02
N THR A 103 8.29 4.73 -2.44
CA THR A 103 9.43 3.93 -2.87
C THR A 103 10.26 3.39 -1.70
N MET A 104 10.40 4.18 -0.64
CA MET A 104 11.18 3.76 0.53
C MET A 104 10.33 3.47 1.78
N SER A 105 9.06 3.84 1.72
CA SER A 105 8.12 3.68 2.83
C SER A 105 8.56 4.56 4.00
N ASP A 106 9.15 5.70 3.68
CA ASP A 106 9.61 6.65 4.71
C ASP A 106 8.40 7.05 5.58
N ASN A 107 8.50 6.82 6.89
CA ASN A 107 7.40 7.14 7.80
C ASN A 107 7.20 8.60 8.10
N THR A 108 8.29 9.36 8.24
CA THR A 108 8.11 10.77 8.51
C THR A 108 7.49 11.43 7.28
N ALA A 109 7.87 10.97 6.09
CA ALA A 109 7.29 11.56 4.89
C ALA A 109 5.76 11.37 4.91
N ALA A 110 5.30 10.21 5.38
CA ALA A 110 3.86 9.93 5.44
C ALA A 110 3.17 10.88 6.41
N ASN A 111 3.80 11.10 7.56
CA ASN A 111 3.23 12.01 8.55
C ASN A 111 3.15 13.43 8.01
N LEU A 112 4.17 13.88 7.30
CA LEU A 112 4.14 15.23 6.76
C LEU A 112 3.01 15.35 5.74
N LEU A 113 2.87 14.35 4.88
CA LEU A 113 1.81 14.37 3.89
C LEU A 113 0.44 14.30 4.57
N LEU A 114 0.31 13.49 5.61
CA LEU A 114 -0.98 13.40 6.33
C LEU A 114 -1.39 14.77 6.82
N THR A 115 -0.43 15.51 7.35
CA THR A 115 -0.70 16.85 7.84
C THR A 115 -1.24 17.75 6.73
N THR A 116 -0.66 17.64 5.53
CA THR A 116 -1.09 18.51 4.45
C THR A 116 -2.53 18.31 4.04
N ILE A 117 -3.05 17.09 4.20
CA ILE A 117 -4.44 16.81 3.79
C ILE A 117 -5.44 16.85 4.92
N GLY A 118 -4.99 17.04 6.16
CA GLY A 118 -5.94 17.08 7.26
C GLY A 118 -5.86 15.90 8.22
N GLY A 119 -4.87 15.03 8.02
CA GLY A 119 -4.68 13.91 8.92
C GLY A 119 -5.52 12.67 8.61
N PRO A 120 -5.41 11.63 9.46
CA PRO A 120 -6.16 10.38 9.28
C PRO A 120 -7.65 10.60 9.07
N LYS A 121 -8.22 11.53 9.82
N LYS A 121 -8.21 11.54 9.82
CA LYS A 121 -9.65 11.81 9.69
CA LYS A 121 -9.64 11.84 9.70
C LYS A 121 -10.01 12.18 8.27
C LYS A 121 -10.01 12.18 8.28
N GLU A 122 -9.21 13.05 7.66
CA GLU A 122 -9.48 13.47 6.28
C GLU A 122 -9.16 12.39 5.24
N LEU A 123 -8.21 11.51 5.53
CA LEU A 123 -7.94 10.46 4.57
C LEU A 123 -9.16 9.52 4.59
N THR A 124 -9.64 9.22 5.78
CA THR A 124 -10.80 8.37 5.91
C THR A 124 -12.00 9.04 5.22
N ALA A 125 -12.14 10.36 5.36
CA ALA A 125 -13.25 11.07 4.72
C ALA A 125 -13.15 10.94 3.19
N PHE A 126 -11.92 11.04 2.69
CA PHE A 126 -11.65 10.94 1.25
C PHE A 126 -12.10 9.58 0.71
N LEU A 127 -11.79 8.52 1.45
CA LEU A 127 -12.13 7.17 1.06
C LEU A 127 -13.64 6.97 1.16
N HIS A 128 -14.20 7.41 2.26
CA HIS A 128 -15.64 7.28 2.49
C HIS A 128 -16.37 7.99 1.34
N ASN A 129 -15.89 9.17 0.99
CA ASN A 129 -16.50 9.95 -0.08
C ASN A 129 -16.43 9.26 -1.44
N MET A 130 -15.40 8.45 -1.67
CA MET A 130 -15.30 7.76 -2.95
C MET A 130 -15.99 6.38 -2.93
N GLY A 131 -16.75 6.11 -1.88
CA GLY A 131 -17.46 4.85 -1.81
C GLY A 131 -16.88 3.74 -0.95
N ASP A 132 -15.73 3.98 -0.33
CA ASP A 132 -15.14 2.93 0.51
C ASP A 132 -15.44 3.29 1.97
N HIS A 133 -16.41 2.60 2.54
CA HIS A 133 -16.80 2.87 3.92
C HIS A 133 -16.22 1.84 4.87
N VAL A 134 -15.22 1.11 4.40
CA VAL A 134 -14.61 0.08 5.22
C VAL A 134 -13.22 0.49 5.66
N THR A 135 -12.39 0.90 4.71
CA THR A 135 -11.04 1.30 5.03
C THR A 135 -11.04 2.54 5.92
N ARG A 136 -10.18 2.53 6.93
CA ARG A 136 -10.10 3.65 7.86
C ARG A 136 -8.70 3.80 8.43
N LEU A 137 -8.21 5.03 8.45
CA LEU A 137 -6.92 5.32 9.06
C LEU A 137 -7.31 6.13 10.29
N ASP A 138 -6.71 5.78 11.42
CA ASP A 138 -7.01 6.43 12.68
C ASP A 138 -5.84 7.10 13.35
N ARG A 139 -4.66 6.54 13.13
CA ARG A 139 -3.47 7.08 13.77
C ARG A 139 -2.38 7.49 12.81
N TRP A 140 -1.26 7.94 13.37
CA TRP A 140 -0.11 8.40 12.59
C TRP A 140 1.04 7.41 12.73
N GLU A 141 2.15 7.65 12.03
CA GLU A 141 3.30 6.76 12.16
C GLU A 141 3.94 7.16 13.49
N PRO A 142 4.47 6.18 14.24
CA PRO A 142 4.52 4.74 13.95
C PRO A 142 3.38 3.90 14.54
N GLU A 143 2.54 4.51 15.37
CA GLU A 143 1.44 3.80 16.03
C GLU A 143 0.45 3.05 15.15
N LEU A 144 0.22 3.54 13.93
CA LEU A 144 -0.76 2.90 13.08
C LEU A 144 -0.39 1.47 12.67
N ASN A 145 0.84 1.06 12.97
CA ASN A 145 1.32 -0.28 12.65
C ASN A 145 1.21 -1.26 13.84
N GLU A 146 0.60 -0.81 14.93
N GLU A 146 0.60 -0.80 14.94
CA GLU A 146 0.46 -1.62 16.13
CA GLU A 146 0.47 -1.61 16.15
C GLU A 146 -0.18 -2.99 15.93
C GLU A 146 -0.21 -2.97 15.97
N ALA A 147 -1.17 -3.06 15.06
CA ALA A 147 -1.84 -4.33 14.78
C ALA A 147 -2.36 -5.07 16.00
N ILE A 148 -3.07 -4.37 16.89
CA ILE A 148 -3.61 -5.05 18.07
C ILE A 148 -4.71 -5.99 17.59
N PRO A 149 -4.70 -7.26 18.04
CA PRO A 149 -5.74 -8.19 17.61
C PRO A 149 -7.14 -7.64 17.88
N ASN A 150 -8.04 -7.83 16.91
CA ASN A 150 -9.43 -7.41 17.01
C ASN A 150 -9.65 -5.89 16.92
N ASP A 151 -8.57 -5.11 16.88
CA ASP A 151 -8.69 -3.65 16.77
C ASP A 151 -8.99 -3.26 15.31
N GLU A 152 -10.06 -2.48 15.11
CA GLU A 152 -10.42 -2.05 13.76
C GLU A 152 -9.70 -0.75 13.32
N ARG A 153 -9.01 -0.09 14.24
CA ARG A 153 -8.29 1.13 13.87
C ARG A 153 -7.24 0.81 12.79
N ASP A 154 -7.09 1.72 11.83
CA ASP A 154 -6.08 1.56 10.76
C ASP A 154 -6.16 0.24 9.98
N THR A 155 -7.37 -0.22 9.70
CA THR A 155 -7.54 -1.46 8.95
C THR A 155 -8.30 -1.29 7.64
N THR A 156 -8.23 -2.33 6.82
CA THR A 156 -8.95 -2.40 5.55
C THR A 156 -9.26 -3.90 5.43
N THR A 157 -9.89 -4.31 4.32
CA THR A 157 -10.15 -5.71 4.07
C THR A 157 -9.50 -5.90 2.70
N PRO A 158 -9.16 -7.13 2.32
CA PRO A 158 -8.53 -7.32 1.00
C PRO A 158 -9.43 -6.76 -0.10
N ALA A 159 -10.73 -7.06 0.00
CA ALA A 159 -11.70 -6.59 -0.99
C ALA A 159 -11.81 -5.06 -1.06
N ALA A 160 -11.88 -4.39 0.10
CA ALA A 160 -11.99 -2.94 0.13
C ALA A 160 -10.77 -2.30 -0.51
N MET A 161 -9.59 -2.76 -0.10
CA MET A 161 -8.35 -2.19 -0.60
C MET A 161 -8.17 -2.43 -2.10
N ALA A 162 -8.48 -3.63 -2.55
CA ALA A 162 -8.34 -3.96 -3.96
C ALA A 162 -9.23 -3.06 -4.83
N THR A 163 -10.49 -2.88 -4.43
CA THR A 163 -11.38 -2.05 -5.24
C THR A 163 -10.98 -0.57 -5.18
N THR A 164 -10.60 -0.11 -4.00
CA THR A 164 -10.18 1.28 -3.87
C THR A 164 -8.93 1.56 -4.69
N LEU A 165 -7.96 0.64 -4.68
CA LEU A 165 -6.76 0.83 -5.47
C LEU A 165 -7.18 0.89 -6.94
N ARG A 166 -8.10 0.00 -7.34
CA ARG A 166 -8.55 0.00 -8.72
C ARG A 166 -9.19 1.33 -9.10
N LYS A 167 -9.99 1.89 -8.20
CA LYS A 167 -10.61 3.18 -8.47
C LYS A 167 -9.57 4.28 -8.64
N LEU A 168 -8.56 4.28 -7.80
CA LEU A 168 -7.52 5.30 -7.90
C LEU A 168 -6.72 5.19 -9.18
N LEU A 169 -6.40 3.95 -9.57
CA LEU A 169 -5.58 3.71 -10.74
C LEU A 169 -6.29 3.75 -12.10
N THR A 170 -7.56 3.41 -12.15
CA THR A 170 -8.22 3.43 -13.45
C THR A 170 -9.59 4.08 -13.44
N GLY A 171 -9.98 4.60 -12.29
CA GLY A 171 -11.26 5.26 -12.19
C GLY A 171 -11.10 6.70 -12.67
N GLU A 172 -12.17 7.47 -12.63
CA GLU A 172 -12.11 8.85 -13.08
C GLU A 172 -11.89 9.84 -11.93
N LEU A 173 -11.51 9.31 -10.77
CA LEU A 173 -11.28 10.16 -9.60
C LEU A 173 -10.11 11.10 -9.86
N LEU A 174 -9.01 10.54 -10.35
CA LEU A 174 -7.84 11.35 -10.62
C LEU A 174 -7.74 11.62 -12.11
N THR A 175 -7.02 12.69 -12.45
CA THR A 175 -6.82 13.02 -13.87
C THR A 175 -5.78 12.01 -14.37
N LEU A 176 -5.65 11.88 -15.68
CA LEU A 176 -4.68 10.95 -16.25
C LEU A 176 -3.27 11.23 -15.75
N ALA A 177 -2.92 12.51 -15.69
CA ALA A 177 -1.60 12.90 -15.21
C ALA A 177 -1.36 12.37 -13.79
N SER A 178 -2.34 12.54 -12.91
CA SER A 178 -2.19 12.08 -11.52
C SER A 178 -2.23 10.56 -11.39
N ARG A 179 -3.11 9.93 -12.14
CA ARG A 179 -3.21 8.49 -12.14
C ARG A 179 -1.84 7.90 -12.51
N GLN A 180 -1.18 8.48 -13.51
CA GLN A 180 0.12 7.99 -13.94
C GLN A 180 1.21 8.33 -12.92
N GLN A 181 1.10 9.49 -12.30
CA GLN A 181 2.08 9.88 -11.31
C GLN A 181 2.03 8.86 -10.17
N LEU A 182 0.82 8.49 -9.77
CA LEU A 182 0.65 7.51 -8.69
C LEU A 182 1.24 6.16 -9.11
N ILE A 183 0.94 5.74 -10.33
CA ILE A 183 1.45 4.48 -10.85
C ILE A 183 2.97 4.55 -10.93
N ASP A 184 3.50 5.68 -11.39
CA ASP A 184 4.94 5.85 -11.50
C ASP A 184 5.61 5.72 -10.12
N TRP A 185 5.03 6.32 -9.09
CA TRP A 185 5.63 6.17 -7.77
C TRP A 185 5.59 4.71 -7.33
N MET A 186 4.48 4.03 -7.57
CA MET A 186 4.39 2.62 -7.19
C MET A 186 5.35 1.72 -7.97
N GLU A 187 5.67 2.07 -9.21
N GLU A 187 5.67 2.10 -9.20
CA GLU A 187 6.58 1.22 -9.97
CA GLU A 187 6.57 1.30 -10.01
C GLU A 187 7.99 1.27 -9.39
C GLU A 187 8.00 1.32 -9.48
N ALA A 188 8.36 2.41 -8.80
CA ALA A 188 9.70 2.54 -8.20
C ALA A 188 9.68 1.80 -6.85
N ASP A 189 10.80 1.23 -6.48
CA ASP A 189 10.86 0.45 -5.25
C ASP A 189 12.26 0.16 -4.79
N LYS A 190 12.45 0.14 -3.48
CA LYS A 190 13.75 -0.17 -2.91
C LYS A 190 13.55 -1.01 -1.67
N VAL A 191 12.28 -1.39 -1.39
CA VAL A 191 11.99 -2.18 -0.19
C VAL A 191 11.07 -3.38 -0.34
N ALA A 192 10.41 -3.50 -1.48
CA ALA A 192 9.48 -4.62 -1.68
C ALA A 192 10.08 -5.73 -2.55
N GLY A 193 11.40 -5.72 -2.70
CA GLY A 193 12.05 -6.74 -3.50
C GLY A 193 11.75 -8.18 -3.09
N PRO A 194 11.68 -8.49 -1.79
CA PRO A 194 11.42 -9.85 -1.31
C PRO A 194 10.00 -10.37 -1.48
N LEU A 195 9.08 -9.48 -1.86
CA LEU A 195 7.68 -9.87 -2.02
C LEU A 195 7.29 -10.31 -3.42
N LEU A 196 6.22 -9.74 -4.00
CA LEU A 196 5.80 -10.17 -5.33
C LEU A 196 6.88 -10.05 -6.39
N ARG A 197 7.67 -8.98 -6.31
CA ARG A 197 8.74 -8.75 -7.28
C ARG A 197 9.74 -9.93 -7.42
N SER A 198 9.97 -10.65 -6.34
CA SER A 198 10.90 -11.77 -6.42
C SER A 198 10.38 -12.93 -7.26
N ALA A 199 9.07 -12.95 -7.56
CA ALA A 199 8.48 -14.04 -8.33
C ALA A 199 8.15 -13.61 -9.76
N LEU A 200 8.28 -12.33 -10.00
CA LEU A 200 7.95 -11.72 -11.27
C LEU A 200 9.02 -11.84 -12.36
N PRO A 201 8.62 -12.24 -13.58
CA PRO A 201 9.62 -12.35 -14.65
C PRO A 201 10.03 -10.91 -15.02
N ALA A 202 11.26 -10.74 -15.50
CA ALA A 202 11.75 -9.40 -15.85
C ALA A 202 10.87 -8.51 -16.72
N GLY A 203 10.18 -9.09 -17.69
CA GLY A 203 9.35 -8.28 -18.58
C GLY A 203 8.01 -7.78 -18.04
N TRP A 204 7.63 -8.29 -16.88
CA TRP A 204 6.36 -7.91 -16.27
C TRP A 204 6.36 -6.52 -15.67
N PHE A 205 5.17 -5.94 -15.62
CA PHE A 205 4.98 -4.64 -15.02
C PHE A 205 4.47 -4.89 -13.60
N ILE A 206 4.90 -4.06 -12.67
CA ILE A 206 4.41 -4.15 -11.29
C ILE A 206 4.53 -2.79 -10.65
N ALA A 207 3.42 -2.35 -10.08
CA ALA A 207 3.36 -1.09 -9.31
C ALA A 207 2.85 -1.60 -7.98
N ASP A 208 3.62 -1.39 -6.92
CA ASP A 208 3.19 -1.94 -5.64
C ASP A 208 3.51 -1.08 -4.44
N LYS A 209 3.07 -1.54 -3.27
CA LYS A 209 3.34 -0.91 -2.00
C LYS A 209 3.22 -2.01 -0.94
N SER A 210 4.27 -2.18 -0.15
CA SER A 210 4.28 -3.23 0.89
C SER A 210 4.02 -2.59 2.24
N GLY A 211 3.83 -3.44 3.24
CA GLY A 211 3.61 -2.93 4.57
C GLY A 211 4.11 -3.97 5.56
N ALA A 212 4.52 -3.48 6.74
CA ALA A 212 4.99 -4.34 7.82
C ALA A 212 4.59 -3.68 9.16
N GLY A 213 4.22 -4.49 10.13
CA GLY A 213 3.86 -3.95 11.43
C GLY A 213 4.18 -4.94 12.54
N GLU A 214 3.68 -4.66 13.73
CA GLU A 214 3.92 -5.55 14.86
C GLU A 214 3.07 -6.82 14.71
N ARG A 215 3.29 -7.77 15.59
CA ARG A 215 2.54 -9.02 15.59
C ARG A 215 2.56 -9.77 14.26
N GLY A 216 3.71 -9.75 13.60
CA GLY A 216 3.87 -10.46 12.34
C GLY A 216 3.08 -9.93 11.16
N SER A 217 2.51 -8.73 11.29
CA SER A 217 1.72 -8.16 10.21
C SER A 217 2.60 -7.86 9.00
N ARG A 218 2.09 -8.21 7.83
CA ARG A 218 2.84 -8.01 6.59
C ARG A 218 1.84 -7.94 5.44
N GLY A 219 2.11 -7.15 4.42
CA GLY A 219 1.16 -7.13 3.32
C GLY A 219 1.68 -6.44 2.10
N ILE A 220 0.92 -6.54 1.02
CA ILE A 220 1.32 -5.88 -0.22
C ILE A 220 0.12 -5.69 -1.11
N ILE A 221 0.10 -4.56 -1.80
CA ILE A 221 -0.95 -4.26 -2.77
C ILE A 221 -0.20 -4.02 -4.08
N ALA A 222 -0.78 -4.46 -5.18
CA ALA A 222 -0.10 -4.29 -6.47
C ALA A 222 -0.99 -4.39 -7.69
N ALA A 223 -0.56 -3.73 -8.77
CA ALA A 223 -1.21 -3.82 -10.07
C ALA A 223 -0.05 -4.44 -10.86
N LEU A 224 -0.30 -5.58 -11.52
CA LEU A 224 0.78 -6.23 -12.24
C LEU A 224 0.28 -6.92 -13.51
N GLY A 225 1.21 -7.25 -14.39
CA GLY A 225 0.80 -7.92 -15.62
C GLY A 225 1.98 -8.21 -16.51
N PRO A 226 1.85 -9.18 -17.44
CA PRO A 226 2.94 -9.52 -18.34
C PRO A 226 3.23 -8.44 -19.36
N ASP A 227 4.46 -8.49 -19.87
CA ASP A 227 4.96 -7.59 -20.89
C ASP A 227 4.70 -6.11 -20.69
N GLY A 228 5.17 -5.58 -19.56
CA GLY A 228 5.05 -4.17 -19.30
C GLY A 228 3.67 -3.56 -19.11
N LYS A 229 2.63 -4.37 -19.06
CA LYS A 229 1.28 -3.81 -18.88
C LYS A 229 0.51 -4.46 -17.74
N PRO A 230 0.06 -3.67 -16.76
CA PRO A 230 -0.69 -4.27 -15.65
C PRO A 230 -2.07 -4.70 -16.14
N SER A 231 -2.55 -5.84 -15.64
CA SER A 231 -3.86 -6.33 -16.02
C SER A 231 -4.66 -6.87 -14.84
N ARG A 232 -4.02 -6.97 -13.66
CA ARG A 232 -4.72 -7.45 -12.46
C ARG A 232 -4.25 -6.71 -11.23
N ILE A 233 -5.08 -6.71 -10.21
CA ILE A 233 -4.73 -6.11 -8.94
C ILE A 233 -4.73 -7.27 -7.92
N VAL A 234 -3.68 -7.32 -7.12
CA VAL A 234 -3.54 -8.36 -6.12
C VAL A 234 -3.33 -7.68 -4.76
N VAL A 235 -4.00 -8.19 -3.74
CA VAL A 235 -3.86 -7.63 -2.41
C VAL A 235 -3.67 -8.82 -1.47
N ILE A 236 -2.63 -8.77 -0.64
CA ILE A 236 -2.36 -9.86 0.28
C ILE A 236 -2.01 -9.27 1.62
N TYR A 237 -2.67 -9.75 2.67
CA TYR A 237 -2.38 -9.28 4.03
C TYR A 237 -2.26 -10.48 4.95
N THR A 238 -1.49 -10.31 6.02
CA THR A 238 -1.39 -11.34 7.04
C THR A 238 -1.08 -10.67 8.36
N THR A 239 -1.60 -11.22 9.45
CA THR A 239 -1.31 -10.67 10.77
C THR A 239 -1.41 -11.81 11.77
N GLY A 240 -0.67 -11.69 12.87
CA GLY A 240 -0.70 -12.72 13.90
C GLY A 240 0.40 -13.76 13.87
N SER A 241 1.19 -13.84 12.80
CA SER A 241 2.25 -14.84 12.74
C SER A 241 3.43 -14.54 13.67
N GLN A 242 4.09 -15.60 14.14
CA GLN A 242 5.27 -15.40 14.98
C GLN A 242 6.50 -15.67 14.12
N ALA A 243 6.29 -15.87 12.81
CA ALA A 243 7.39 -16.16 11.89
C ALA A 243 8.29 -14.95 11.61
N THR A 244 9.51 -15.24 11.18
CA THR A 244 10.45 -14.18 10.89
C THR A 244 10.01 -13.42 9.64
N MET A 245 10.59 -12.25 9.45
CA MET A 245 10.29 -11.43 8.30
C MET A 245 10.63 -12.23 7.01
N ASP A 246 11.77 -12.93 6.99
CA ASP A 246 12.12 -13.69 5.78
C ASP A 246 11.08 -14.78 5.48
N GLU A 247 10.58 -15.42 6.53
CA GLU A 247 9.57 -16.47 6.38
C GLU A 247 8.27 -15.89 5.82
N ARG A 248 7.87 -14.74 6.33
CA ARG A 248 6.65 -14.08 5.87
C ARG A 248 6.83 -13.63 4.43
N ASN A 249 8.00 -13.06 4.12
CA ASN A 249 8.30 -12.62 2.76
C ASN A 249 8.23 -13.81 1.80
N ARG A 250 8.84 -14.92 2.18
CA ARG A 250 8.84 -16.11 1.33
C ARG A 250 7.43 -16.63 1.02
N GLN A 251 6.57 -16.66 2.02
CA GLN A 251 5.21 -17.14 1.80
C GLN A 251 4.46 -16.22 0.82
N ILE A 252 4.59 -14.91 1.00
CA ILE A 252 3.93 -13.96 0.10
C ILE A 252 4.53 -14.10 -1.31
N ALA A 253 5.83 -14.29 -1.40
CA ALA A 253 6.45 -14.45 -2.70
C ALA A 253 5.98 -15.76 -3.35
N GLU A 254 5.77 -16.81 -2.55
CA GLU A 254 5.32 -18.09 -3.10
C GLU A 254 3.88 -17.95 -3.62
N ILE A 255 3.08 -17.12 -2.95
CA ILE A 255 1.72 -16.91 -3.42
C ILE A 255 1.87 -16.23 -4.79
N GLY A 256 2.86 -15.33 -4.90
CA GLY A 256 3.11 -14.65 -6.15
C GLY A 256 3.54 -15.60 -7.27
N ALA A 257 4.36 -16.58 -6.95
CA ALA A 257 4.85 -17.54 -7.93
C ALA A 257 3.69 -18.38 -8.46
N SER A 258 2.77 -18.71 -7.57
CA SER A 258 1.62 -19.52 -7.96
C SER A 258 0.70 -18.70 -8.86
N LEU A 259 0.46 -17.44 -8.51
N LEU A 259 0.52 -17.42 -8.49
CA LEU A 259 -0.42 -16.64 -9.35
CA LEU A 259 -0.32 -16.50 -9.26
C LEU A 259 0.23 -16.37 -10.71
C LEU A 259 0.24 -16.38 -10.67
N ILE A 260 1.56 -16.28 -10.76
CA ILE A 260 2.24 -16.11 -12.03
C ILE A 260 2.14 -17.39 -12.85
N LYS A 261 2.39 -18.51 -12.19
CA LYS A 261 2.36 -19.82 -12.84
C LYS A 261 1.02 -20.13 -13.51
N HIS A 262 -0.07 -19.79 -12.83
CA HIS A 262 -1.40 -20.07 -13.34
C HIS A 262 -2.11 -18.88 -13.93
N TRP A 263 -1.35 -17.88 -14.35
CA TRP A 263 -1.90 -16.66 -14.94
C TRP A 263 -2.78 -16.95 -16.16
#